data_7CHB
#
_entry.id   7CHB
#
_cell.length_a   195.614
_cell.length_b   86.788
_cell.length_c   56.415
_cell.angle_alpha   90.000
_cell.angle_beta   100.130
_cell.angle_gamma   90.000
#
_symmetry.space_group_name_H-M   'C 1 2 1'
#
loop_
_entity.id
_entity.type
_entity.pdbx_description
1 polymer 'BD-236 Fab heavy chain'
2 polymer 'BD-236 Fab light chain'
3 polymer 'Spike protein S1'
4 branched 2-acetamido-2-deoxy-beta-D-glucopyranose-(1-4)-2-acetamido-2-deoxy-beta-D-glucopyranose
5 water water
#
loop_
_entity_poly.entity_id
_entity_poly.type
_entity_poly.pdbx_seq_one_letter_code
_entity_poly.pdbx_strand_id
1 'polypeptide(L)'
;EVQLVESGGGLIQPGGSLRLSCAASGITVSSNYMSWVRQAPGKGLEWVSVIYSGGSTDYADSVKGRFTISRDKSKNTLYL
QMNSLRAEDTAVYYCARDLGEAGGMDVWGQGTTVTVSSASTKGPSVFPLAPSSKSTSGGTAALGCLVKDYFPEPVTVSWN
SGALTSGVHTFPAVLQSSGLYSLSSVVTVPSSSLGTQTYICNVNHKPSNTKVDKKVEPKSCDK
;
H
2 'polypeptide(L)'
;AIQLTQSPSSLSASVGDRVTITCRASQGISSYLAWYQQKPGKAPKLLIYAASTLQSGVPSRFSGSGSGTDFTLTISSLQP
EDFATYYCQQLNSYPPAFGGGTKVEIKRTVAAPSVFIFPPSDEQLKSGTASVVCLLNNFYPREAKVQWKVDNALQSGNSQ
ESVTEQDSKDSTYSLSSTLTLSKADYEKHKVYACEVTHQGLSSPVTKSFNRGEC
;
L
3 'polypeptide(L)'
;RVQPTESIVRFPNITNLCPFGEVFNATRFASVYAWNRKRISNCVADYSVLYNSASFSTFKCYGVSPTKLNDLCFTNVYAD
SFVIRGDEVRQIAPGQTGKIADYNYKLPDDFTGCVIAWNSNNLDSKVGGNYNYLYRLFRKSNLKPFERDISTEIYQAGST
PCNGVEGFNCYFPLQSYGFQPTNGVGYQPYRVVVLSFELLHAPATVCGPKKSTNLVKNKCVNF
;
R
#
loop_
_chem_comp.id
_chem_comp.type
_chem_comp.name
_chem_comp.formula
NAG D-saccharide, beta linking 2-acetamido-2-deoxy-beta-D-glucopyranose 'C8 H15 N O6'
#
# COMPACT_ATOMS: atom_id res chain seq x y z
N GLU A 1 5.05 1.88 25.00
CA GLU A 1 3.91 1.17 25.58
C GLU A 1 2.91 0.77 24.49
N VAL A 2 2.54 1.75 23.66
CA VAL A 2 1.65 1.48 22.53
C VAL A 2 2.49 0.89 21.41
N GLN A 3 2.22 -0.37 21.08
CA GLN A 3 3.02 -1.04 20.06
C GLN A 3 2.25 -2.24 19.50
N LEU A 4 2.63 -2.63 18.29
CA LEU A 4 2.16 -3.85 17.66
C LEU A 4 3.39 -4.67 17.27
N VAL A 5 3.51 -5.87 17.83
CA VAL A 5 4.66 -6.74 17.60
C VAL A 5 4.20 -7.94 16.79
N GLU A 6 4.75 -8.11 15.59
CA GLU A 6 4.34 -9.17 14.69
C GLU A 6 5.36 -10.29 14.65
N SER A 7 4.88 -11.48 14.30
CA SER A 7 5.74 -12.63 14.07
C SER A 7 4.98 -13.62 13.19
N GLY A 8 5.67 -14.69 12.79
CA GLY A 8 5.09 -15.73 11.97
C GLY A 8 5.61 -15.76 10.55
N GLY A 9 6.29 -14.71 10.11
CA GLY A 9 6.81 -14.69 8.75
C GLY A 9 7.96 -15.66 8.58
N GLY A 10 8.12 -16.13 7.35
CA GLY A 10 9.26 -17.01 7.04
C GLY A 10 9.20 -17.46 5.60
N LEU A 11 10.13 -18.35 5.27
CA LEU A 11 10.17 -18.96 3.96
C LEU A 11 9.11 -20.04 3.85
N ILE A 12 8.52 -20.16 2.66
CA ILE A 12 7.43 -21.10 2.43
C ILE A 12 7.35 -21.37 0.93
N GLN A 13 6.74 -22.51 0.56
CA GLN A 13 6.61 -22.95 -0.83
C GLN A 13 5.25 -22.56 -1.41
N PRO A 14 5.19 -22.39 -2.73
CA PRO A 14 3.89 -22.10 -3.36
C PRO A 14 2.86 -23.16 -3.03
N GLY A 15 1.64 -22.72 -2.74
CA GLY A 15 0.60 -23.60 -2.27
C GLY A 15 0.63 -23.86 -0.77
N GLY A 16 1.71 -23.50 -0.08
CA GLY A 16 1.82 -23.74 1.34
C GLY A 16 1.00 -22.77 2.18
N SER A 17 1.10 -22.93 3.49
CA SER A 17 0.33 -22.14 4.44
C SER A 17 1.25 -21.50 5.46
N LEU A 18 0.79 -20.39 6.04
CA LEU A 18 1.54 -19.62 7.00
C LEU A 18 0.55 -18.82 7.84
N ARG A 19 0.89 -18.58 9.10
CA ARG A 19 0.04 -17.79 9.98
C ARG A 19 0.86 -16.66 10.60
N LEU A 20 0.40 -15.43 10.42
CA LEU A 20 1.03 -14.26 11.02
C LEU A 20 0.25 -13.86 12.27
N SER A 21 0.98 -13.39 13.28
CA SER A 21 0.40 -12.93 14.52
C SER A 21 0.75 -11.46 14.73
N CYS A 22 -0.15 -10.73 15.40
CA CYS A 22 0.05 -9.32 15.73
C CYS A 22 -0.42 -9.12 17.17
N ALA A 23 0.52 -9.10 18.11
CA ALA A 23 0.22 -8.96 19.53
C ALA A 23 0.27 -7.48 19.91
N ALA A 24 -0.83 -6.98 20.46
CA ALA A 24 -1.00 -5.55 20.69
C ALA A 24 -0.87 -5.20 22.17
N SER A 25 -0.37 -4.00 22.42
CA SER A 25 -0.30 -3.42 23.74
C SER A 25 -0.60 -1.93 23.61
N GLY A 26 -1.56 -1.44 24.39
CA GLY A 26 -1.96 -0.05 24.35
C GLY A 26 -3.21 0.22 23.53
N ILE A 27 -3.59 -0.71 22.66
CA ILE A 27 -4.87 -0.66 21.95
C ILE A 27 -5.55 -2.00 22.13
N THR A 28 -6.88 -1.98 22.03
CA THR A 28 -7.69 -3.18 22.20
C THR A 28 -8.09 -3.68 20.81
N VAL A 29 -7.55 -4.85 20.43
CA VAL A 29 -7.72 -5.34 19.07
C VAL A 29 -9.18 -5.53 18.73
N SER A 30 -9.95 -6.12 19.65
CA SER A 30 -11.35 -6.41 19.36
C SER A 30 -12.24 -5.17 19.39
N SER A 31 -11.70 -4.00 19.75
CA SER A 31 -12.48 -2.77 19.75
C SER A 31 -12.20 -1.88 18.53
N ASN A 32 -11.34 -2.33 17.62
CA ASN A 32 -10.82 -1.46 16.57
C ASN A 32 -10.99 -2.09 15.20
N TYR A 33 -10.93 -1.23 14.19
CA TYR A 33 -10.60 -1.69 12.84
C TYR A 33 -9.12 -2.05 12.80
N MET A 34 -8.80 -3.30 12.48
CA MET A 34 -7.42 -3.75 12.38
C MET A 34 -7.16 -4.21 10.96
N SER A 35 -6.05 -3.74 10.39
CA SER A 35 -5.74 -3.97 8.99
C SER A 35 -4.40 -4.67 8.84
N TRP A 36 -4.26 -5.43 7.75
CA TRP A 36 -2.98 -5.92 7.28
C TRP A 36 -2.64 -5.20 5.97
N VAL A 37 -1.41 -4.71 5.88
CA VAL A 37 -0.91 -4.03 4.68
C VAL A 37 0.43 -4.63 4.34
N ARG A 38 0.63 -4.95 3.06
CA ARG A 38 1.87 -5.57 2.62
C ARG A 38 2.63 -4.67 1.66
N GLN A 39 3.92 -4.97 1.52
CA GLN A 39 4.82 -4.22 0.65
C GLN A 39 5.79 -5.21 0.02
N ALA A 40 5.59 -5.49 -1.27
CA ALA A 40 6.49 -6.36 -2.01
C ALA A 40 7.85 -5.66 -2.21
N PRO A 41 8.91 -6.44 -2.46
CA PRO A 41 10.25 -5.85 -2.57
C PRO A 41 10.31 -4.76 -3.63
N GLY A 42 10.71 -3.56 -3.21
CA GLY A 42 10.86 -2.44 -4.12
C GLY A 42 9.58 -1.81 -4.61
N LYS A 43 8.43 -2.23 -4.09
CA LYS A 43 7.14 -1.73 -4.52
C LYS A 43 6.51 -0.87 -3.43
N GLY A 44 5.28 -0.44 -3.67
CA GLY A 44 4.54 0.39 -2.74
C GLY A 44 3.76 -0.40 -1.73
N LEU A 45 2.80 0.27 -1.09
CA LEU A 45 1.96 -0.34 -0.07
C LEU A 45 0.66 -0.85 -0.68
N GLU A 46 0.18 -1.98 -0.18
CA GLU A 46 -1.06 -2.58 -0.64
C GLU A 46 -1.84 -3.10 0.55
N TRP A 47 -3.09 -2.67 0.67
CA TRP A 47 -3.96 -3.17 1.73
C TRP A 47 -4.40 -4.59 1.41
N VAL A 48 -4.44 -5.43 2.44
CA VAL A 48 -4.73 -6.85 2.30
C VAL A 48 -6.09 -7.21 2.90
N SER A 49 -6.34 -6.78 4.13
CA SER A 49 -7.50 -7.27 4.86
C SER A 49 -7.82 -6.32 6.01
N VAL A 50 -9.07 -6.38 6.47
CA VAL A 50 -9.51 -5.62 7.64
C VAL A 50 -10.52 -6.47 8.39
N ILE A 51 -10.54 -6.30 9.72
CA ILE A 51 -11.58 -6.87 10.56
C ILE A 51 -12.17 -5.74 11.39
N TYR A 52 -13.49 -5.62 11.37
CA TYR A 52 -14.17 -4.54 12.07
C TYR A 52 -14.22 -4.84 13.56
N SER A 53 -14.48 -3.78 14.35
CA SER A 53 -14.74 -3.95 15.77
C SER A 53 -15.89 -4.92 16.01
N GLY A 54 -16.91 -4.89 15.15
CA GLY A 54 -18.05 -5.77 15.24
C GLY A 54 -17.88 -7.14 14.64
N GLY A 55 -16.71 -7.45 14.08
CA GLY A 55 -16.41 -8.77 13.59
C GLY A 55 -16.48 -8.96 12.08
N SER A 56 -17.03 -8.00 11.35
CA SER A 56 -17.04 -8.10 9.90
C SER A 56 -15.64 -8.03 9.32
N THR A 57 -15.44 -8.73 8.21
CA THR A 57 -14.13 -8.84 7.57
C THR A 57 -14.22 -8.46 6.10
N ASP A 58 -13.13 -7.93 5.57
CA ASP A 58 -13.04 -7.61 4.15
C ASP A 58 -11.64 -7.93 3.67
N TYR A 59 -11.52 -8.18 2.36
CA TYR A 59 -10.26 -8.62 1.77
C TYR A 59 -10.05 -7.98 0.41
N ALA A 60 -8.79 -7.76 0.07
CA ALA A 60 -8.43 -7.43 -1.31
C ALA A 60 -8.77 -8.60 -2.21
N ASP A 61 -9.12 -8.28 -3.47
CA ASP A 61 -9.62 -9.31 -4.37
C ASP A 61 -8.58 -10.39 -4.65
N SER A 62 -7.31 -10.01 -4.77
CA SER A 62 -6.24 -10.99 -5.06
C SER A 62 -5.96 -11.93 -3.89
N VAL A 63 -6.80 -11.96 -2.86
CA VAL A 63 -6.47 -12.62 -1.61
C VAL A 63 -7.71 -13.34 -1.09
N LYS A 64 -8.87 -12.97 -1.62
CA LYS A 64 -10.11 -13.62 -1.23
C LYS A 64 -10.08 -15.12 -1.50
N GLY A 65 -10.57 -15.90 -0.53
CA GLY A 65 -10.58 -17.33 -0.64
C GLY A 65 -9.28 -18.00 -0.22
N ARG A 66 -8.22 -17.25 0.00
CA ARG A 66 -6.93 -17.79 0.45
C ARG A 66 -6.54 -17.30 1.82
N PHE A 67 -6.82 -16.04 2.15
CA PHE A 67 -6.43 -15.46 3.42
C PHE A 67 -7.66 -15.35 4.34
N THR A 68 -7.42 -15.50 5.65
CA THR A 68 -8.46 -15.34 6.65
C THR A 68 -7.90 -14.53 7.81
N ILE A 69 -8.53 -13.40 8.09
CA ILE A 69 -8.16 -12.57 9.23
C ILE A 69 -9.04 -12.96 10.40
N SER A 70 -8.48 -12.89 11.60
CA SER A 70 -9.19 -13.23 12.82
C SER A 70 -8.47 -12.60 13.99
N ARG A 71 -9.02 -12.79 15.19
CA ARG A 71 -8.48 -12.15 16.38
C ARG A 71 -8.79 -13.00 17.60
N ASP A 72 -8.00 -12.79 18.66
CA ASP A 72 -8.20 -13.45 19.94
C ASP A 72 -8.30 -12.37 21.01
N LYS A 73 -9.46 -12.27 21.65
CA LYS A 73 -9.65 -11.25 22.68
C LYS A 73 -8.81 -11.52 23.92
N SER A 74 -8.72 -12.79 24.33
CA SER A 74 -7.97 -13.14 25.54
C SER A 74 -6.50 -12.79 25.40
N LYS A 75 -5.94 -12.96 24.21
CA LYS A 75 -4.53 -12.66 23.97
C LYS A 75 -4.31 -11.27 23.38
N ASN A 76 -5.38 -10.52 23.12
CA ASN A 76 -5.30 -9.22 22.43
C ASN A 76 -4.40 -9.30 21.21
N THR A 77 -4.68 -10.27 20.34
CA THR A 77 -3.81 -10.59 19.23
C THR A 77 -4.62 -10.70 17.93
N LEU A 78 -4.04 -10.17 16.86
CA LEU A 78 -4.61 -10.26 15.52
C LEU A 78 -3.87 -11.34 14.72
N TYR A 79 -4.61 -12.08 13.90
CA TYR A 79 -4.04 -13.15 13.11
C TYR A 79 -4.36 -12.96 11.63
N LEU A 80 -3.48 -13.50 10.79
CA LEU A 80 -3.73 -13.60 9.34
C LEU A 80 -3.32 -14.99 8.90
N GLN A 81 -4.29 -15.83 8.58
CA GLN A 81 -4.03 -17.18 8.08
C GLN A 81 -3.91 -17.12 6.56
N MET A 82 -2.74 -17.50 6.06
CA MET A 82 -2.43 -17.41 4.64
C MET A 82 -2.35 -18.82 4.07
N ASN A 83 -3.31 -19.18 3.21
CA ASN A 83 -3.34 -20.46 2.52
C ASN A 83 -3.08 -20.27 1.03
N SER A 84 -2.68 -21.35 0.38
CA SER A 84 -2.45 -21.38 -1.07
C SER A 84 -1.57 -20.21 -1.51
N LEU A 85 -0.46 -20.02 -0.79
CA LEU A 85 0.43 -18.91 -1.05
C LEU A 85 1.03 -18.99 -2.46
N ARG A 86 1.16 -17.84 -3.09
CA ARG A 86 1.77 -17.70 -4.40
C ARG A 86 3.03 -16.83 -4.30
N ALA A 87 3.83 -16.86 -5.37
CA ALA A 87 5.03 -16.03 -5.40
C ALA A 87 4.71 -14.55 -5.26
N GLU A 88 3.54 -14.11 -5.75
CA GLU A 88 3.15 -12.72 -5.64
C GLU A 88 3.01 -12.28 -4.18
N ASP A 89 2.67 -13.21 -3.30
CA ASP A 89 2.44 -12.86 -1.90
C ASP A 89 3.74 -12.53 -1.15
N THR A 90 4.89 -12.66 -1.79
CA THR A 90 6.16 -12.30 -1.17
C THR A 90 6.18 -10.81 -0.86
N ALA A 91 6.28 -10.48 0.43
CA ALA A 91 6.21 -9.08 0.86
C ALA A 91 6.60 -9.00 2.33
N VAL A 92 6.87 -7.78 2.77
CA VAL A 92 6.80 -7.47 4.19
C VAL A 92 5.35 -7.18 4.56
N TYR A 93 4.85 -7.86 5.58
CA TYR A 93 3.46 -7.70 6.01
C TYR A 93 3.41 -6.87 7.28
N TYR A 94 2.54 -5.86 7.28
CA TYR A 94 2.35 -4.98 8.42
C TYR A 94 0.93 -5.12 8.93
N CYS A 95 0.77 -5.19 10.26
CA CYS A 95 -0.51 -4.95 10.89
C CYS A 95 -0.57 -3.50 11.37
N ALA A 96 -1.77 -2.96 11.40
CA ALA A 96 -1.94 -1.58 11.81
C ALA A 96 -3.37 -1.38 12.31
N ARG A 97 -3.52 -0.54 13.35
CA ARG A 97 -4.84 -0.11 13.73
C ARG A 97 -5.32 0.98 12.78
N ASP A 98 -6.56 0.85 12.35
CA ASP A 98 -7.14 1.66 11.29
C ASP A 98 -8.25 2.53 11.88
N LEU A 99 -8.05 3.84 11.84
CA LEU A 99 -9.08 4.79 12.28
C LEU A 99 -9.87 5.39 11.12
N GLY A 100 -9.55 5.00 9.88
CA GLY A 100 -10.31 5.48 8.73
C GLY A 100 -10.28 7.00 8.63
N GLU A 101 -11.46 7.59 8.46
CA GLU A 101 -11.60 9.03 8.33
C GLU A 101 -11.33 9.78 9.62
N ALA A 102 -11.44 9.12 10.77
CA ALA A 102 -11.24 9.76 12.07
C ALA A 102 -9.76 9.93 12.40
N GLY A 103 -8.89 9.20 11.72
CA GLY A 103 -7.46 9.36 11.82
C GLY A 103 -6.84 8.79 10.57
N GLY A 104 -5.93 7.85 10.71
CA GLY A 104 -5.53 7.01 9.61
C GLY A 104 -5.12 5.67 10.16
N MET A 105 -4.07 5.10 9.59
CA MET A 105 -3.37 3.98 10.23
C MET A 105 -2.27 4.62 11.07
N ASP A 106 -2.54 4.78 12.36
CA ASP A 106 -1.66 5.54 13.25
C ASP A 106 -0.70 4.66 14.03
N VAL A 107 -1.06 3.42 14.30
CA VAL A 107 -0.20 2.48 15.02
C VAL A 107 0.17 1.37 14.05
N TRP A 108 1.46 1.18 13.81
CA TRP A 108 1.96 0.18 12.88
C TRP A 108 2.82 -0.83 13.61
N GLY A 109 2.81 -2.06 13.11
CA GLY A 109 3.77 -3.05 13.56
C GLY A 109 5.13 -2.84 12.91
N GLN A 110 6.11 -3.60 13.39
CA GLN A 110 7.45 -3.48 12.82
C GLN A 110 7.57 -4.17 11.47
N GLY A 111 6.64 -5.05 11.14
CA GLY A 111 6.65 -5.77 9.89
C GLY A 111 7.29 -7.14 10.01
N THR A 112 6.78 -8.08 9.23
CA THR A 112 7.33 -9.43 9.18
C THR A 112 7.40 -9.87 7.72
N THR A 113 8.42 -10.63 7.38
CA THR A 113 8.75 -10.94 5.99
C THR A 113 8.25 -12.33 5.62
N VAL A 114 7.60 -12.43 4.45
CA VAL A 114 7.08 -13.67 3.93
C VAL A 114 7.67 -13.89 2.55
N THR A 115 8.45 -14.97 2.39
CA THR A 115 9.03 -15.34 1.11
C THR A 115 8.35 -16.61 0.62
N VAL A 116 7.77 -16.56 -0.58
CA VAL A 116 7.12 -17.69 -1.20
C VAL A 116 7.93 -18.06 -2.44
N SER A 117 8.53 -19.25 -2.43
CA SER A 117 9.44 -19.65 -3.49
C SER A 117 9.56 -21.17 -3.52
N SER A 118 9.65 -21.72 -4.73
CA SER A 118 9.90 -23.14 -4.90
C SER A 118 11.39 -23.49 -4.81
N ALA A 119 12.26 -22.49 -4.74
CA ALA A 119 13.69 -22.73 -4.66
C ALA A 119 14.07 -23.25 -3.27
N SER A 120 15.19 -23.95 -3.21
CA SER A 120 15.69 -24.54 -1.98
C SER A 120 16.99 -23.85 -1.55
N THR A 121 17.24 -23.87 -0.25
CA THR A 121 18.39 -23.18 0.32
C THR A 121 19.69 -23.63 -0.35
N LYS A 122 20.51 -22.65 -0.73
CA LYS A 122 21.73 -22.91 -1.48
C LYS A 122 22.72 -21.79 -1.21
N GLY A 123 23.93 -22.17 -0.81
CA GLY A 123 25.00 -21.22 -0.60
C GLY A 123 25.47 -20.62 -1.92
N PRO A 124 26.17 -19.49 -1.84
CA PRO A 124 26.56 -18.78 -3.05
C PRO A 124 27.85 -19.30 -3.65
N SER A 125 28.01 -19.02 -4.94
CA SER A 125 29.29 -19.13 -5.62
C SER A 125 29.89 -17.73 -5.75
N VAL A 126 31.14 -17.58 -5.35
CA VAL A 126 31.82 -16.30 -5.34
C VAL A 126 32.85 -16.28 -6.46
N PHE A 127 32.66 -15.37 -7.42
CA PHE A 127 33.62 -15.21 -8.51
C PHE A 127 34.28 -13.85 -8.43
N PRO A 128 35.54 -13.74 -8.86
CA PRO A 128 36.23 -12.44 -8.80
C PRO A 128 35.82 -11.53 -9.94
N LEU A 129 35.69 -10.24 -9.63
CA LEU A 129 35.60 -9.19 -10.65
C LEU A 129 36.99 -8.56 -10.73
N ALA A 130 37.84 -9.17 -11.54
CA ALA A 130 39.27 -8.89 -11.48
C ALA A 130 39.58 -7.53 -12.11
N PRO A 131 40.58 -6.81 -11.59
CA PRO A 131 40.89 -5.48 -12.13
C PRO A 131 41.37 -5.56 -13.57
N SER A 132 40.94 -4.58 -14.37
CA SER A 132 41.34 -4.51 -15.77
C SER A 132 42.84 -4.30 -15.90
N SER A 133 43.39 -4.75 -17.03
CA SER A 133 44.82 -4.62 -17.28
C SER A 133 45.20 -3.21 -17.68
N LYS A 134 44.24 -2.39 -18.11
CA LYS A 134 44.53 -1.02 -18.53
C LYS A 134 43.64 -0.03 -17.80
N GLY A 139 45.93 6.23 -11.09
CA GLY A 139 44.50 6.33 -11.31
C GLY A 139 43.70 5.43 -10.41
N THR A 140 42.39 5.39 -10.65
CA THR A 140 41.46 4.58 -9.86
C THR A 140 41.23 3.24 -10.55
N ALA A 141 41.42 2.15 -9.81
CA ALA A 141 41.10 0.81 -10.26
C ALA A 141 39.92 0.26 -9.48
N ALA A 142 39.14 -0.60 -10.12
CA ALA A 142 37.98 -1.22 -9.50
C ALA A 142 38.13 -2.74 -9.52
N LEU A 143 37.76 -3.37 -8.42
CA LEU A 143 37.73 -4.82 -8.32
C LEU A 143 36.55 -5.23 -7.46
N GLY A 144 36.18 -6.50 -7.54
CA GLY A 144 35.00 -6.89 -6.79
C GLY A 144 34.78 -8.38 -6.79
N CYS A 145 33.67 -8.78 -6.19
CA CYS A 145 33.25 -10.17 -6.08
C CYS A 145 31.82 -10.31 -6.59
N LEU A 146 31.58 -11.31 -7.41
CA LEU A 146 30.25 -11.64 -7.88
C LEU A 146 29.73 -12.80 -7.04
N VAL A 147 28.70 -12.55 -6.23
CA VAL A 147 28.13 -13.52 -5.32
C VAL A 147 26.85 -14.04 -5.96
N LYS A 148 26.93 -15.17 -6.65
CA LYS A 148 25.89 -15.60 -7.56
C LYS A 148 25.16 -16.85 -7.06
N ASP A 149 23.85 -16.89 -7.34
CA ASP A 149 23.01 -18.09 -7.21
C ASP A 149 22.96 -18.60 -5.77
N TYR A 150 22.34 -17.78 -4.91
CA TYR A 150 22.10 -18.18 -3.53
C TYR A 150 20.63 -18.01 -3.19
N PHE A 151 20.22 -18.66 -2.10
CA PHE A 151 18.85 -18.59 -1.61
C PHE A 151 18.79 -19.11 -0.19
N PRO A 152 18.06 -18.45 0.72
CA PRO A 152 17.39 -17.18 0.47
C PRO A 152 18.29 -16.01 0.85
N GLU A 153 17.74 -14.79 0.84
CA GLU A 153 18.45 -13.66 1.42
C GLU A 153 18.57 -13.86 2.93
N PRO A 154 19.53 -13.20 3.58
CA PRO A 154 20.51 -12.23 3.07
C PRO A 154 21.94 -12.76 2.96
N VAL A 155 22.76 -12.03 2.21
CA VAL A 155 24.20 -12.25 2.14
C VAL A 155 24.89 -10.99 2.62
N THR A 156 25.92 -11.15 3.44
CA THR A 156 26.75 -10.04 3.90
C THR A 156 28.16 -10.18 3.34
N VAL A 157 28.75 -9.06 2.94
CA VAL A 157 30.05 -9.04 2.29
C VAL A 157 30.93 -8.00 2.98
N SER A 158 32.16 -8.39 3.30
CA SER A 158 33.17 -7.46 3.79
C SER A 158 34.44 -7.66 2.98
N TRP A 159 35.37 -6.72 3.13
CA TRP A 159 36.64 -6.78 2.41
C TRP A 159 37.79 -6.74 3.42
N ASN A 160 38.73 -7.66 3.26
CA ASN A 160 39.88 -7.80 4.15
C ASN A 160 39.46 -7.88 5.61
N SER A 161 38.45 -8.71 5.86
CA SER A 161 37.96 -9.01 7.21
C SER A 161 37.49 -7.75 7.94
N GLY A 162 37.03 -6.76 7.19
CA GLY A 162 36.53 -5.52 7.75
C GLY A 162 37.51 -4.37 7.74
N ALA A 163 38.79 -4.63 7.45
CA ALA A 163 39.80 -3.58 7.45
C ALA A 163 39.63 -2.61 6.29
N LEU A 164 39.00 -3.04 5.20
CA LEU A 164 38.81 -2.21 4.01
C LEU A 164 37.33 -1.87 3.88
N THR A 165 36.99 -0.63 4.23
CA THR A 165 35.61 -0.15 4.13
C THR A 165 35.45 1.06 3.22
N SER A 166 36.52 1.80 2.94
CA SER A 166 36.43 3.00 2.13
C SER A 166 36.35 2.65 0.66
N GLY A 167 35.36 3.20 -0.04
CA GLY A 167 35.18 2.93 -1.45
C GLY A 167 34.42 1.66 -1.76
N VAL A 168 33.92 0.95 -0.75
CA VAL A 168 33.22 -0.31 -0.95
C VAL A 168 31.75 -0.02 -1.24
N HIS A 169 31.24 -0.56 -2.34
CA HIS A 169 29.82 -0.56 -2.65
C HIS A 169 29.35 -1.99 -2.80
N THR A 170 28.46 -2.42 -1.91
CA THR A 170 27.79 -3.70 -2.05
C THR A 170 26.37 -3.42 -2.53
N PHE A 171 26.02 -3.99 -3.61
CA PHE A 171 24.75 -3.71 -4.26
C PHE A 171 23.64 -4.58 -3.69
N PRO A 172 22.41 -4.06 -3.65
CA PRO A 172 21.27 -4.90 -3.26
C PRO A 172 21.11 -6.06 -4.22
N ALA A 173 20.76 -7.21 -3.67
CA ALA A 173 20.62 -8.42 -4.47
C ALA A 173 19.49 -8.27 -5.48
N VAL A 174 19.62 -8.97 -6.60
CA VAL A 174 18.55 -9.09 -7.57
C VAL A 174 18.09 -10.54 -7.58
N LEU A 175 16.79 -10.73 -7.83
CA LEU A 175 16.21 -12.05 -8.00
C LEU A 175 16.28 -12.42 -9.47
N GLN A 176 16.93 -13.53 -9.77
CA GLN A 176 17.07 -13.98 -11.15
C GLN A 176 15.87 -14.83 -11.55
N SER A 177 15.72 -15.03 -12.86
CA SER A 177 14.59 -15.81 -13.36
C SER A 177 14.63 -17.26 -12.90
N SER A 178 15.76 -17.72 -12.38
CA SER A 178 15.88 -19.07 -11.83
C SER A 178 15.32 -19.18 -10.41
N GLY A 179 15.00 -18.07 -9.77
CA GLY A 179 14.55 -18.07 -8.40
C GLY A 179 15.64 -17.86 -7.37
N LEU A 180 16.89 -17.77 -7.79
CA LEU A 180 18.01 -17.54 -6.90
C LEU A 180 18.47 -16.09 -6.96
N TYR A 181 19.06 -15.63 -5.87
CA TYR A 181 19.53 -14.25 -5.78
C TYR A 181 21.00 -14.16 -6.20
N SER A 182 21.40 -12.92 -6.51
CA SER A 182 22.76 -12.65 -6.95
C SER A 182 23.07 -11.17 -6.67
N LEU A 183 24.30 -10.89 -6.24
CA LEU A 183 24.71 -9.52 -6.01
C LEU A 183 26.20 -9.39 -6.30
N SER A 184 26.65 -8.14 -6.39
CA SER A 184 28.05 -7.82 -6.55
C SER A 184 28.48 -6.84 -5.46
N SER A 185 29.74 -6.96 -5.05
CA SER A 185 30.36 -6.02 -4.12
C SER A 185 31.65 -5.54 -4.77
N VAL A 186 31.77 -4.23 -4.98
CA VAL A 186 32.93 -3.66 -5.63
C VAL A 186 33.63 -2.70 -4.68
N VAL A 187 34.90 -2.45 -4.97
CA VAL A 187 35.70 -1.47 -4.25
C VAL A 187 36.64 -0.81 -5.24
N THR A 188 36.82 0.50 -5.11
CA THR A 188 37.79 1.24 -5.90
C THR A 188 39.01 1.54 -5.05
N VAL A 189 40.19 1.26 -5.60
CA VAL A 189 41.46 1.44 -4.90
C VAL A 189 42.43 2.12 -5.85
N PRO A 190 43.49 2.74 -5.32
CA PRO A 190 44.51 3.32 -6.22
C PRO A 190 45.16 2.25 -7.09
N SER A 191 45.42 2.59 -8.34
CA SER A 191 46.03 1.63 -9.26
C SER A 191 47.40 1.17 -8.76
N SER A 192 48.08 2.01 -7.98
CA SER A 192 49.40 1.65 -7.47
C SER A 192 49.37 0.51 -6.46
N SER A 193 48.24 0.29 -5.79
CA SER A 193 48.15 -0.71 -4.73
C SER A 193 47.94 -2.12 -5.25
N LEU A 194 47.65 -2.29 -6.55
CA LEU A 194 47.34 -3.62 -7.06
C LEU A 194 48.53 -4.57 -6.95
N GLY A 195 49.75 -4.04 -6.99
CA GLY A 195 50.92 -4.87 -6.81
C GLY A 195 51.19 -5.21 -5.35
N THR A 196 50.93 -4.25 -4.46
CA THR A 196 51.35 -4.37 -3.07
C THR A 196 50.28 -5.02 -2.19
N GLN A 197 49.06 -4.52 -2.24
CA GLN A 197 48.02 -4.88 -1.28
C GLN A 197 47.22 -6.09 -1.74
N THR A 198 46.87 -6.95 -0.78
CA THR A 198 46.01 -8.09 -1.02
C THR A 198 44.54 -7.70 -0.78
N TYR A 199 43.66 -8.15 -1.67
CA TYR A 199 42.24 -7.81 -1.60
C TYR A 199 41.44 -9.11 -1.55
N ILE A 200 40.80 -9.35 -0.40
CA ILE A 200 39.99 -10.54 -0.18
C ILE A 200 38.59 -10.10 0.22
N CYS A 201 37.59 -10.59 -0.50
CA CYS A 201 36.20 -10.37 -0.12
C CYS A 201 35.73 -11.56 0.72
N ASN A 202 34.96 -11.27 1.76
CA ASN A 202 34.45 -12.28 2.68
C ASN A 202 32.93 -12.32 2.54
N VAL A 203 32.41 -13.44 2.07
CA VAL A 203 30.97 -13.62 1.85
C VAL A 203 30.43 -14.53 2.94
N ASN A 204 29.33 -14.11 3.56
CA ASN A 204 28.70 -14.86 4.64
C ASN A 204 27.24 -15.06 4.29
N HIS A 205 26.82 -16.33 4.21
CA HIS A 205 25.43 -16.69 3.96
C HIS A 205 24.98 -17.57 5.12
N LYS A 206 24.36 -16.96 6.11
CA LYS A 206 23.93 -17.69 7.30
C LYS A 206 22.90 -18.79 7.03
N PRO A 207 21.87 -18.60 6.19
CA PRO A 207 20.87 -19.67 6.00
C PRO A 207 21.47 -20.99 5.56
N SER A 208 22.58 -20.98 4.82
CA SER A 208 23.23 -22.20 4.38
C SER A 208 24.52 -22.48 5.15
N ASN A 209 24.83 -21.64 6.15
CA ASN A 209 26.06 -21.76 6.93
C ASN A 209 27.29 -21.80 6.03
N THR A 210 27.34 -20.85 5.09
CA THR A 210 28.40 -20.78 4.10
C THR A 210 29.25 -19.55 4.35
N LYS A 211 30.57 -19.73 4.37
CA LYS A 211 31.53 -18.65 4.55
C LYS A 211 32.63 -18.82 3.53
N VAL A 212 32.83 -17.80 2.69
CA VAL A 212 33.76 -17.87 1.57
C VAL A 212 34.68 -16.66 1.60
N ASP A 213 35.99 -16.90 1.54
CA ASP A 213 37.00 -15.86 1.34
C ASP A 213 37.63 -16.06 -0.03
N LYS A 214 37.52 -15.05 -0.88
CA LYS A 214 38.01 -15.11 -2.25
C LYS A 214 39.04 -14.00 -2.45
N LYS A 215 40.23 -14.37 -2.87
CA LYS A 215 41.26 -13.40 -3.22
C LYS A 215 41.05 -12.93 -4.65
N VAL A 216 40.94 -11.61 -4.82
CA VAL A 216 40.75 -11.00 -6.13
C VAL A 216 42.05 -10.31 -6.52
N GLU A 217 42.61 -10.72 -7.66
CA GLU A 217 43.89 -10.24 -8.13
C GLU A 217 43.82 -10.02 -9.63
N PRO A 218 44.74 -9.23 -10.20
CA PRO A 218 44.73 -9.04 -11.66
C PRO A 218 45.33 -10.22 -12.41
N ILE B 2 -11.24 4.20 -7.50
CA ILE B 2 -10.39 5.38 -7.31
C ILE B 2 -8.93 5.03 -7.49
N GLN B 3 -8.20 5.82 -8.27
CA GLN B 3 -6.76 5.70 -8.40
C GLN B 3 -6.09 6.98 -7.91
N LEU B 4 -4.93 6.85 -7.28
CA LEU B 4 -4.17 7.99 -6.77
C LEU B 4 -2.84 8.06 -7.51
N THR B 5 -2.53 9.25 -8.03
CA THR B 5 -1.32 9.47 -8.82
C THR B 5 -0.44 10.48 -8.08
N GLN B 6 0.69 10.01 -7.57
CA GLN B 6 1.65 10.87 -6.90
C GLN B 6 2.65 11.44 -7.89
N SER B 7 2.98 12.72 -7.72
CA SER B 7 3.96 13.43 -8.53
C SER B 7 4.85 14.27 -7.64
N PRO B 8 6.17 14.25 -7.89
CA PRO B 8 6.82 13.37 -8.86
C PRO B 8 7.22 12.04 -8.22
N SER B 9 7.73 11.10 -9.03
CA SER B 9 8.20 9.83 -8.47
C SER B 9 9.33 10.05 -7.49
N SER B 10 10.19 11.04 -7.75
CA SER B 10 11.25 11.40 -6.82
C SER B 10 11.63 12.84 -7.09
N LEU B 11 12.11 13.51 -6.05
CA LEU B 11 12.60 14.87 -6.17
C LEU B 11 13.82 15.02 -5.29
N SER B 12 14.72 15.91 -5.71
CA SER B 12 15.94 16.21 -4.97
C SER B 12 15.83 17.59 -4.35
N ALA B 13 16.26 17.71 -3.10
CA ALA B 13 16.18 18.98 -2.39
C ALA B 13 17.30 19.07 -1.38
N SER B 14 17.53 20.29 -0.90
CA SER B 14 18.56 20.60 0.08
C SER B 14 17.91 20.89 1.43
N VAL B 15 18.72 20.82 2.49
CA VAL B 15 18.24 21.17 3.82
C VAL B 15 17.79 22.63 3.83
N GLY B 16 16.64 22.88 4.45
CA GLY B 16 16.05 24.20 4.49
C GLY B 16 15.14 24.53 3.33
N ASP B 17 15.12 23.70 2.29
CA ASP B 17 14.26 23.94 1.14
C ASP B 17 12.79 23.75 1.49
N ARG B 18 11.93 24.29 0.63
CA ARG B 18 10.50 24.04 0.66
C ARG B 18 10.18 22.96 -0.35
N VAL B 19 9.55 21.88 0.11
CA VAL B 19 9.27 20.71 -0.72
C VAL B 19 7.76 20.54 -0.84
N THR B 20 7.31 20.25 -2.06
CA THR B 20 5.90 20.11 -2.36
C THR B 20 5.68 18.81 -3.14
N ILE B 21 4.87 17.91 -2.56
CA ILE B 21 4.51 16.65 -3.19
C ILE B 21 3.00 16.66 -3.41
N THR B 22 2.58 16.26 -4.62
CA THR B 22 1.17 16.34 -4.99
C THR B 22 0.62 14.94 -5.24
N CYS B 23 -0.69 14.80 -4.97
CA CYS B 23 -1.44 13.57 -5.15
C CYS B 23 -2.73 13.92 -5.87
N ARG B 24 -3.02 13.24 -6.97
CA ARG B 24 -4.20 13.53 -7.78
C ARG B 24 -5.13 12.32 -7.75
N ALA B 25 -6.33 12.50 -7.21
CA ALA B 25 -7.33 11.44 -7.19
C ALA B 25 -8.11 11.44 -8.49
N SER B 26 -8.54 10.26 -8.93
CA SER B 26 -9.16 10.13 -10.24
C SER B 26 -10.62 10.55 -10.28
N GLN B 27 -11.27 10.78 -9.13
CA GLN B 27 -12.70 11.08 -9.19
C GLN B 27 -13.16 12.21 -8.26
N GLY B 28 -12.67 12.23 -7.01
CA GLY B 28 -13.17 13.22 -6.07
C GLY B 28 -13.54 12.61 -4.74
N ILE B 29 -12.71 12.84 -3.73
CA ILE B 29 -12.81 12.17 -2.45
C ILE B 29 -12.90 13.15 -1.29
N SER B 30 -13.32 14.38 -1.59
CA SER B 30 -13.36 15.48 -0.63
C SER B 30 -12.03 15.57 0.13
N SER B 31 -12.05 15.36 1.45
CA SER B 31 -10.85 15.47 2.26
C SER B 31 -10.36 14.13 2.81
N TYR B 32 -10.80 13.02 2.21
CA TYR B 32 -10.48 11.68 2.73
C TYR B 32 -9.11 11.25 2.18
N LEU B 33 -8.06 11.77 2.82
CA LEU B 33 -6.71 11.55 2.33
C LEU B 33 -5.74 11.54 3.51
N ALA B 34 -4.74 10.67 3.46
CA ALA B 34 -3.71 10.61 4.48
C ALA B 34 -2.34 10.57 3.82
N TRP B 35 -1.34 11.07 4.54
CA TRP B 35 0.04 11.10 4.08
C TRP B 35 0.91 10.35 5.06
N TYR B 36 1.79 9.48 4.54
CA TYR B 36 2.69 8.69 5.36
C TYR B 36 4.12 8.91 4.92
N GLN B 37 5.05 8.71 5.86
CA GLN B 37 6.48 8.74 5.59
C GLN B 37 7.05 7.35 5.85
N GLN B 38 7.93 6.89 4.97
CA GLN B 38 8.58 5.60 5.16
C GLN B 38 10.06 5.71 4.83
N LYS B 39 10.90 5.25 5.75
CA LYS B 39 12.33 5.16 5.57
C LYS B 39 12.73 3.72 5.26
N PRO B 40 13.89 3.51 4.62
CA PRO B 40 14.30 2.14 4.28
C PRO B 40 14.30 1.22 5.50
N GLY B 41 13.65 0.07 5.35
CA GLY B 41 13.60 -0.92 6.40
C GLY B 41 12.61 -0.65 7.51
N LYS B 42 11.90 0.48 7.48
CA LYS B 42 11.03 0.86 8.58
C LYS B 42 9.57 0.83 8.15
N ALA B 43 8.69 0.81 9.14
CA ALA B 43 7.27 0.84 8.89
C ALA B 43 6.84 2.26 8.51
N PRO B 44 5.72 2.41 7.78
CA PRO B 44 5.20 3.74 7.49
C PRO B 44 4.85 4.48 8.78
N LYS B 45 4.96 5.80 8.73
CA LYS B 45 4.62 6.66 9.87
C LYS B 45 3.61 7.69 9.42
N LEU B 46 2.51 7.81 10.18
CA LEU B 46 1.44 8.71 9.77
C LEU B 46 1.81 10.16 10.03
N LEU B 47 1.63 11.01 9.01
CA LEU B 47 1.91 12.44 9.11
C LEU B 47 0.64 13.27 9.18
N ILE B 48 -0.30 13.04 8.28
CA ILE B 48 -1.49 13.86 8.13
C ILE B 48 -2.66 12.95 7.79
N TYR B 49 -3.83 13.27 8.33
CA TYR B 49 -5.08 12.63 7.95
C TYR B 49 -6.12 13.71 7.70
N ALA B 50 -7.20 13.30 7.02
CA ALA B 50 -8.26 14.22 6.60
C ALA B 50 -7.68 15.38 5.80
N ALA B 51 -6.66 15.07 4.99
CA ALA B 51 -6.04 15.96 4.01
C ALA B 51 -5.18 17.06 4.62
N SER B 52 -5.54 17.57 5.81
CA SER B 52 -4.80 18.70 6.37
C SER B 52 -4.61 18.66 7.87
N THR B 53 -5.10 17.63 8.58
CA THR B 53 -4.99 17.58 10.03
C THR B 53 -3.66 16.96 10.43
N LEU B 54 -2.90 17.67 11.26
CA LEU B 54 -1.57 17.25 11.64
C LEU B 54 -1.65 16.18 12.72
N GLN B 55 -1.05 15.01 12.45
CA GLN B 55 -0.99 13.96 13.44
C GLN B 55 -0.20 14.41 14.65
N SER B 56 -0.69 14.06 15.84
CA SER B 56 -0.07 14.50 17.08
C SER B 56 1.38 14.00 17.17
N GLY B 57 2.29 14.91 17.49
CA GLY B 57 3.70 14.58 17.56
C GLY B 57 4.49 14.85 16.30
N VAL B 58 3.82 15.07 15.18
CA VAL B 58 4.51 15.32 13.91
C VAL B 58 4.94 16.79 13.86
N PRO B 59 6.17 17.09 13.45
CA PRO B 59 6.62 18.48 13.44
C PRO B 59 5.76 19.37 12.54
N SER B 60 5.65 20.64 12.92
CA SER B 60 4.71 21.55 12.27
C SER B 60 5.15 21.95 10.87
N ARG B 61 6.39 21.70 10.49
CA ARG B 61 6.82 22.02 9.13
C ARG B 61 6.11 21.17 8.08
N PHE B 62 5.45 20.09 8.49
CA PHE B 62 4.60 19.32 7.60
C PHE B 62 3.20 19.92 7.58
N SER B 63 2.62 20.01 6.39
CA SER B 63 1.25 20.50 6.27
C SER B 63 0.63 19.90 5.02
N GLY B 64 -0.67 19.67 5.09
CA GLY B 64 -1.42 19.14 3.97
C GLY B 64 -2.47 20.13 3.53
N SER B 65 -2.80 20.09 2.24
CA SER B 65 -3.86 20.93 1.72
C SER B 65 -4.54 20.20 0.57
N GLY B 66 -5.75 20.65 0.25
CA GLY B 66 -6.50 20.07 -0.84
C GLY B 66 -7.84 19.52 -0.40
N SER B 67 -8.78 19.47 -1.34
CA SER B 67 -10.07 18.83 -1.15
C SER B 67 -10.71 18.61 -2.51
N GLY B 68 -11.20 17.40 -2.75
CA GLY B 68 -11.66 17.04 -4.08
C GLY B 68 -10.74 16.04 -4.78
N THR B 69 -9.94 16.51 -5.74
CA THR B 69 -9.07 15.65 -6.51
C THR B 69 -7.59 16.00 -6.44
N ASP B 70 -7.24 17.22 -6.00
CA ASP B 70 -5.86 17.68 -5.98
C ASP B 70 -5.42 17.90 -4.55
N PHE B 71 -4.37 17.20 -4.14
CA PHE B 71 -3.86 17.25 -2.77
C PHE B 71 -2.37 17.53 -2.78
N THR B 72 -1.91 18.18 -1.71
CA THR B 72 -0.53 18.60 -1.62
C THR B 72 0.01 18.31 -0.22
N LEU B 73 1.23 17.78 -0.18
CA LEU B 73 2.01 17.70 1.04
C LEU B 73 3.17 18.68 0.92
N THR B 74 3.34 19.53 1.93
CA THR B 74 4.36 20.57 1.92
C THR B 74 5.24 20.43 3.16
N ILE B 75 6.55 20.44 2.95
CA ILE B 75 7.53 20.53 4.02
C ILE B 75 8.15 21.92 3.90
N SER B 76 7.84 22.79 4.86
CA SER B 76 8.17 24.21 4.73
C SER B 76 9.69 24.44 4.77
N SER B 77 10.40 23.67 5.59
CA SER B 77 11.86 23.81 5.70
C SER B 77 12.44 22.41 5.93
N LEU B 78 12.94 21.81 4.84
CA LEU B 78 13.40 20.43 4.89
C LEU B 78 14.51 20.24 5.91
N GLN B 79 14.37 19.23 6.76
CA GLN B 79 15.35 18.86 7.76
C GLN B 79 16.03 17.55 7.35
N PRO B 80 17.23 17.27 7.89
CA PRO B 80 17.95 16.06 7.48
C PRO B 80 17.16 14.77 7.60
N GLU B 81 16.34 14.62 8.64
CA GLU B 81 15.58 13.39 8.84
C GLU B 81 14.34 13.30 7.97
N ASP B 82 14.13 14.24 7.06
CA ASP B 82 12.97 14.22 6.18
C ASP B 82 13.23 13.55 4.85
N PHE B 83 14.46 13.15 4.56
CA PHE B 83 14.75 12.43 3.34
C PHE B 83 14.24 11.01 3.48
N ALA B 84 13.22 10.67 2.67
CA ALA B 84 12.49 9.42 2.78
C ALA B 84 11.48 9.33 1.64
N THR B 85 10.67 8.27 1.64
CA THR B 85 9.60 8.11 0.67
C THR B 85 8.28 8.46 1.33
N TYR B 86 7.41 9.13 0.57
CA TYR B 86 6.12 9.59 1.08
C TYR B 86 5.00 8.99 0.24
N TYR B 87 3.92 8.60 0.91
CA TYR B 87 2.77 7.95 0.27
C TYR B 87 1.49 8.67 0.64
N CYS B 88 0.60 8.84 -0.32
CA CYS B 88 -0.77 9.24 -0.04
C CYS B 88 -1.67 8.00 0.00
N GLN B 89 -2.74 8.09 0.78
CA GLN B 89 -3.68 6.98 0.95
C GLN B 89 -5.10 7.50 1.01
N GLN B 90 -5.98 6.84 0.26
CA GLN B 90 -7.41 7.15 0.33
C GLN B 90 -7.99 6.67 1.66
N LEU B 91 -8.83 7.51 2.26
CA LEU B 91 -9.55 7.14 3.46
C LEU B 91 -11.01 6.89 3.13
N ASN B 92 -11.70 6.20 4.03
CA ASN B 92 -13.13 5.86 3.90
C ASN B 92 -13.42 5.07 2.63
N SER B 93 -12.62 4.04 2.40
CA SER B 93 -12.90 3.11 1.32
C SER B 93 -12.05 1.88 1.55
N TYR B 94 -12.68 0.77 1.82
CA TYR B 94 -11.91 -0.46 1.76
C TYR B 94 -11.85 -0.90 0.30
N PRO B 95 -10.99 -1.85 -0.02
CA PRO B 95 -9.97 -1.60 -1.03
C PRO B 95 -9.53 -0.14 -1.02
N PRO B 96 -8.66 0.25 -0.09
CA PRO B 96 -8.14 1.63 -0.09
C PRO B 96 -7.02 1.80 -1.10
N ALA B 97 -7.05 2.93 -1.80
CA ALA B 97 -6.02 3.24 -2.80
C ALA B 97 -4.82 3.92 -2.14
N PHE B 98 -3.62 3.51 -2.56
CA PHE B 98 -2.38 4.17 -2.17
C PHE B 98 -1.75 4.84 -3.38
N GLY B 99 -1.07 5.95 -3.14
CA GLY B 99 -0.24 6.53 -4.18
C GLY B 99 1.04 5.73 -4.39
N GLY B 100 1.65 5.94 -5.55
CA GLY B 100 2.85 5.21 -5.91
C GLY B 100 4.08 5.59 -5.11
N GLY B 101 4.03 6.70 -4.39
CA GLY B 101 5.16 7.07 -3.56
C GLY B 101 6.02 8.14 -4.21
N THR B 102 6.67 8.95 -3.37
CA THR B 102 7.59 9.98 -3.80
C THR B 102 8.83 9.91 -2.91
N LYS B 103 9.99 9.74 -3.52
CA LYS B 103 11.25 9.67 -2.79
C LYS B 103 11.89 11.05 -2.79
N VAL B 104 12.16 11.58 -1.60
CA VAL B 104 12.83 12.86 -1.44
C VAL B 104 14.32 12.59 -1.23
N GLU B 105 15.14 13.06 -2.16
CA GLU B 105 16.56 12.74 -2.18
C GLU B 105 17.38 14.01 -1.98
N ILE B 106 18.66 13.81 -1.65
CA ILE B 106 19.57 14.91 -1.35
C ILE B 106 20.09 15.50 -2.66
N LYS B 107 19.91 16.80 -2.85
CA LYS B 107 20.42 17.46 -4.04
C LYS B 107 21.92 17.72 -3.91
N ARG B 108 22.61 17.68 -5.05
CA ARG B 108 24.03 18.01 -5.12
C ARG B 108 24.36 18.30 -6.58
N THR B 109 25.61 18.66 -6.83
CA THR B 109 26.02 19.00 -8.18
C THR B 109 26.22 17.73 -9.02
N VAL B 110 26.13 17.91 -10.34
CA VAL B 110 26.22 16.80 -11.27
C VAL B 110 27.61 16.18 -11.21
N ALA B 111 27.66 14.85 -11.16
CA ALA B 111 28.92 14.11 -11.15
C ALA B 111 28.80 12.96 -12.14
N ALA B 112 29.69 12.93 -13.12
CA ALA B 112 29.67 11.86 -14.11
C ALA B 112 30.17 10.56 -13.48
N PRO B 113 29.65 9.41 -13.93
CA PRO B 113 30.15 8.14 -13.42
C PRO B 113 31.50 7.79 -14.03
N SER B 114 32.30 7.08 -13.25
CA SER B 114 33.44 6.35 -13.79
C SER B 114 32.95 4.94 -14.13
N VAL B 115 33.26 4.48 -15.34
CA VAL B 115 32.68 3.27 -15.90
C VAL B 115 33.76 2.20 -15.97
N PHE B 116 33.45 1.01 -15.45
CA PHE B 116 34.32 -0.14 -15.49
C PHE B 116 33.55 -1.34 -16.02
N ILE B 117 34.21 -2.20 -16.80
CA ILE B 117 33.60 -3.43 -17.29
C ILE B 117 34.45 -4.61 -16.84
N PHE B 118 33.79 -5.72 -16.52
CA PHE B 118 34.46 -6.92 -15.99
C PHE B 118 34.06 -8.10 -16.85
N PRO B 119 35.01 -8.79 -17.48
CA PRO B 119 34.68 -10.04 -18.19
C PRO B 119 34.39 -11.16 -17.21
N PRO B 120 33.74 -12.23 -17.65
CA PRO B 120 33.51 -13.37 -16.76
C PRO B 120 34.82 -14.05 -16.38
N SER B 121 34.87 -14.55 -15.16
CA SER B 121 36.05 -15.26 -14.71
C SER B 121 36.13 -16.63 -15.38
N ASP B 122 37.37 -17.12 -15.54
CA ASP B 122 37.56 -18.47 -16.07
C ASP B 122 36.86 -19.50 -15.19
N GLU B 123 36.73 -19.23 -13.90
CA GLU B 123 36.10 -20.18 -12.99
C GLU B 123 34.61 -20.32 -13.28
N GLN B 124 33.91 -19.21 -13.51
CA GLN B 124 32.48 -19.29 -13.80
C GLN B 124 32.23 -19.98 -15.13
N LEU B 125 33.16 -19.85 -16.08
CA LEU B 125 32.97 -20.44 -17.40
C LEU B 125 32.93 -21.97 -17.33
N LYS B 126 33.66 -22.58 -16.40
CA LYS B 126 33.58 -24.02 -16.22
C LYS B 126 32.17 -24.48 -15.87
N SER B 127 31.35 -23.60 -15.32
CA SER B 127 29.97 -23.93 -14.99
C SER B 127 29.03 -23.85 -16.18
N GLY B 128 29.47 -23.27 -17.30
CA GLY B 128 28.62 -23.13 -18.45
C GLY B 128 27.81 -21.85 -18.52
N THR B 129 28.12 -20.87 -17.67
CA THR B 129 27.41 -19.60 -17.65
C THR B 129 28.42 -18.46 -17.57
N ALA B 130 28.16 -17.39 -18.31
CA ALA B 130 29.04 -16.23 -18.37
C ALA B 130 28.29 -15.01 -17.86
N SER B 131 28.87 -14.33 -16.87
CA SER B 131 28.32 -13.10 -16.33
C SER B 131 29.27 -11.95 -16.65
N VAL B 132 28.80 -10.99 -17.44
CA VAL B 132 29.55 -9.77 -17.75
C VAL B 132 28.97 -8.64 -16.91
N VAL B 133 29.83 -7.93 -16.18
CA VAL B 133 29.40 -6.92 -15.23
C VAL B 133 29.93 -5.56 -15.67
N CYS B 134 29.08 -4.55 -15.56
CA CYS B 134 29.43 -3.16 -15.87
C CYS B 134 29.12 -2.30 -14.66
N LEU B 135 30.10 -1.51 -14.23
CA LEU B 135 29.99 -0.72 -13.01
C LEU B 135 30.00 0.77 -13.32
N LEU B 136 29.04 1.49 -12.77
CA LEU B 136 28.99 2.96 -12.81
C LEU B 136 29.16 3.42 -11.37
N ASN B 137 30.25 4.14 -11.09
CA ASN B 137 30.63 4.46 -9.73
C ASN B 137 30.51 5.96 -9.46
N ASN B 138 29.89 6.30 -8.33
CA ASN B 138 29.87 7.65 -7.77
C ASN B 138 29.39 8.68 -8.79
N PHE B 139 28.11 8.57 -9.16
CA PHE B 139 27.51 9.49 -10.11
C PHE B 139 26.27 10.14 -9.50
N TYR B 140 25.89 11.27 -10.09
CA TYR B 140 24.70 12.01 -9.71
C TYR B 140 24.29 12.86 -10.92
N PRO B 141 23.00 12.96 -11.24
CA PRO B 141 21.89 12.33 -10.51
C PRO B 141 21.72 10.86 -10.83
N ARG B 142 20.62 10.28 -10.33
CA ARG B 142 20.42 8.85 -10.41
C ARG B 142 20.18 8.38 -11.84
N GLU B 143 19.50 9.19 -12.65
CA GLU B 143 19.12 8.76 -13.99
C GLU B 143 20.34 8.42 -14.83
N ALA B 144 20.41 7.17 -15.31
CA ALA B 144 21.48 6.73 -16.18
C ALA B 144 20.95 5.67 -17.12
N LYS B 145 21.52 5.59 -18.31
CA LYS B 145 21.18 4.56 -19.29
C LYS B 145 22.41 3.70 -19.56
N VAL B 146 22.24 2.39 -19.45
CA VAL B 146 23.31 1.42 -19.66
C VAL B 146 22.87 0.50 -20.80
N GLN B 147 23.61 0.53 -21.90
CA GLN B 147 23.28 -0.25 -23.09
C GLN B 147 24.36 -1.30 -23.31
N TRP B 148 23.98 -2.57 -23.23
CA TRP B 148 24.89 -3.67 -23.56
C TRP B 148 24.92 -3.89 -25.06
N LYS B 149 26.13 -4.07 -25.60
CA LYS B 149 26.32 -4.42 -27.00
C LYS B 149 27.22 -5.64 -27.09
N VAL B 150 26.86 -6.59 -27.96
CA VAL B 150 27.66 -7.78 -28.21
C VAL B 150 27.90 -7.85 -29.71
N ASP B 151 29.16 -7.73 -30.13
CA ASP B 151 29.53 -7.56 -31.53
C ASP B 151 28.69 -6.45 -32.17
N ASN B 152 28.46 -5.38 -31.39
CA ASN B 152 27.69 -4.20 -31.77
C ASN B 152 26.19 -4.46 -31.91
N ALA B 153 25.70 -5.58 -31.41
CA ALA B 153 24.26 -5.85 -31.38
C ALA B 153 23.70 -5.43 -30.02
N LEU B 154 22.72 -4.54 -30.04
CA LEU B 154 22.13 -4.04 -28.79
C LEU B 154 21.33 -5.15 -28.12
N GLN B 155 21.61 -5.39 -26.85
CA GLN B 155 21.04 -6.52 -26.11
C GLN B 155 19.87 -6.04 -25.25
N SER B 156 18.77 -6.78 -25.30
CA SER B 156 17.61 -6.52 -24.47
C SER B 156 17.09 -7.83 -23.90
N GLY B 157 16.72 -7.80 -22.62
CA GLY B 157 16.10 -8.94 -21.98
C GLY B 157 17.03 -9.94 -21.32
N ASN B 158 18.35 -9.75 -21.39
CA ASN B 158 19.29 -10.65 -20.74
C ASN B 158 20.19 -9.91 -19.75
N SER B 159 19.73 -8.79 -19.20
CA SER B 159 20.53 -8.03 -18.25
C SER B 159 19.64 -7.57 -17.10
N GLN B 160 20.22 -7.55 -15.90
CA GLN B 160 19.61 -6.96 -14.73
C GLN B 160 20.56 -5.92 -14.15
N GLU B 161 20.00 -4.97 -13.40
CA GLU B 161 20.80 -3.90 -12.84
C GLU B 161 20.37 -3.60 -11.42
N SER B 162 21.31 -3.02 -10.66
CA SER B 162 21.12 -2.76 -9.24
C SER B 162 21.77 -1.42 -8.89
N VAL B 163 21.14 -0.68 -7.98
CA VAL B 163 21.58 0.66 -7.62
C VAL B 163 21.68 0.75 -6.10
N THR B 164 22.76 1.36 -5.62
CA THR B 164 22.90 1.63 -4.20
C THR B 164 22.04 2.83 -3.79
N GLU B 165 21.82 2.95 -2.48
CA GLU B 165 21.24 4.18 -1.96
C GLU B 165 22.30 5.29 -2.01
N GLN B 166 21.85 6.52 -1.77
CA GLN B 166 22.76 7.65 -1.81
C GLN B 166 23.87 7.48 -0.77
N ASP B 167 25.11 7.71 -1.20
CA ASP B 167 26.24 7.61 -0.29
C ASP B 167 26.10 8.65 0.83
N SER B 168 26.46 8.24 2.04
CA SER B 168 26.31 9.10 3.21
C SER B 168 27.31 10.26 3.24
N LYS B 169 28.36 10.23 2.42
CA LYS B 169 29.39 11.25 2.46
C LYS B 169 29.33 12.21 1.27
N ASP B 170 29.24 11.71 0.04
CA ASP B 170 29.20 12.56 -1.14
C ASP B 170 27.85 12.57 -1.84
N SER B 171 26.86 11.83 -1.31
CA SER B 171 25.49 11.86 -1.83
C SER B 171 25.38 11.36 -3.27
N THR B 172 26.30 10.50 -3.70
CA THR B 172 26.26 9.96 -5.05
C THR B 172 25.66 8.55 -5.05
N TYR B 173 25.44 8.04 -6.26
CA TYR B 173 24.94 6.70 -6.48
C TYR B 173 26.01 5.84 -7.14
N SER B 174 25.86 4.53 -7.01
CA SER B 174 26.60 3.56 -7.80
C SER B 174 25.61 2.58 -8.39
N LEU B 175 25.99 2.00 -9.53
CA LEU B 175 25.08 1.14 -10.27
C LEU B 175 25.88 0.01 -10.91
N SER B 176 25.38 -1.21 -10.79
CA SER B 176 25.93 -2.36 -11.48
C SER B 176 24.92 -2.89 -12.48
N SER B 177 25.39 -3.31 -13.65
CA SER B 177 24.57 -3.95 -14.66
C SER B 177 25.23 -5.26 -15.04
N THR B 178 24.47 -6.34 -15.00
CA THR B 178 24.99 -7.69 -15.22
C THR B 178 24.32 -8.31 -16.44
N LEU B 179 25.15 -8.78 -17.38
CA LEU B 179 24.69 -9.44 -18.59
C LEU B 179 25.02 -10.92 -18.49
N THR B 180 23.99 -11.77 -18.50
CA THR B 180 24.16 -13.20 -18.30
C THR B 180 23.92 -13.96 -19.59
N LEU B 181 24.88 -14.80 -19.97
CA LEU B 181 24.80 -15.63 -21.16
C LEU B 181 25.25 -17.04 -20.81
N SER B 182 24.86 -17.99 -21.65
CA SER B 182 25.45 -19.32 -21.58
C SER B 182 26.88 -19.26 -22.11
N LYS B 183 27.69 -20.24 -21.70
CA LYS B 183 29.07 -20.27 -22.19
C LYS B 183 29.09 -20.45 -23.71
N ALA B 184 28.13 -21.20 -24.25
CA ALA B 184 28.08 -21.40 -25.70
C ALA B 184 27.79 -20.09 -26.43
N ASP B 185 26.82 -19.32 -25.94
CA ASP B 185 26.54 -18.02 -26.54
C ASP B 185 27.70 -17.06 -26.34
N TYR B 186 28.38 -17.14 -25.19
CA TYR B 186 29.48 -16.24 -24.90
C TYR B 186 30.63 -16.44 -25.88
N GLU B 187 30.94 -17.70 -26.20
CA GLU B 187 32.07 -18.00 -27.07
C GLU B 187 31.79 -17.75 -28.55
N LYS B 188 30.54 -17.49 -28.92
CA LYS B 188 30.20 -17.24 -30.32
C LYS B 188 30.37 -15.78 -30.73
N HIS B 189 30.82 -14.91 -29.82
CA HIS B 189 31.01 -13.50 -30.12
C HIS B 189 32.35 -13.05 -29.53
N LYS B 190 32.77 -11.86 -29.94
CA LYS B 190 34.09 -11.35 -29.60
C LYS B 190 34.05 -10.07 -28.78
N VAL B 191 33.32 -9.05 -29.23
CA VAL B 191 33.38 -7.71 -28.64
C VAL B 191 32.21 -7.54 -27.68
N TYR B 192 32.50 -7.32 -26.41
CA TYR B 192 31.50 -7.05 -25.39
C TYR B 192 31.70 -5.62 -24.89
N ALA B 193 30.68 -4.79 -25.06
CA ALA B 193 30.78 -3.36 -24.75
C ALA B 193 29.63 -2.93 -23.86
N CYS B 194 29.93 -2.00 -22.97
CA CYS B 194 28.96 -1.35 -22.10
C CYS B 194 28.96 0.13 -22.43
N GLU B 195 27.80 0.64 -22.85
CA GLU B 195 27.68 2.05 -23.25
C GLU B 195 26.80 2.78 -22.25
N VAL B 196 27.31 3.87 -21.71
CA VAL B 196 26.69 4.60 -20.61
C VAL B 196 26.30 5.99 -21.08
N THR B 197 25.05 6.36 -20.83
CA THR B 197 24.55 7.72 -21.08
C THR B 197 24.18 8.35 -19.75
N HIS B 198 24.65 9.57 -19.51
CA HIS B 198 24.38 10.25 -18.26
C HIS B 198 24.53 11.74 -18.48
N GLN B 199 23.81 12.52 -17.65
CA GLN B 199 23.79 13.97 -17.81
C GLN B 199 25.18 14.58 -17.65
N GLY B 200 26.00 14.01 -16.78
CA GLY B 200 27.34 14.53 -16.58
C GLY B 200 28.34 14.17 -17.67
N LEU B 201 27.90 13.45 -18.70
CA LEU B 201 28.76 13.06 -19.82
C LEU B 201 28.31 13.80 -21.07
N SER B 202 29.25 14.52 -21.70
CA SER B 202 28.94 15.22 -22.94
C SER B 202 28.53 14.25 -24.04
N SER B 203 29.13 13.06 -24.05
CA SER B 203 28.85 12.04 -25.04
C SER B 203 28.87 10.69 -24.34
N PRO B 204 28.21 9.68 -24.91
CA PRO B 204 28.18 8.36 -24.25
C PRO B 204 29.58 7.77 -24.12
N VAL B 205 29.81 7.11 -22.98
CA VAL B 205 31.08 6.44 -22.70
C VAL B 205 30.89 4.95 -22.94
N THR B 206 31.81 4.35 -23.69
CA THR B 206 31.79 2.92 -23.98
C THR B 206 33.05 2.29 -23.43
N LYS B 207 32.88 1.29 -22.56
CA LYS B 207 33.97 0.43 -22.10
C LYS B 207 33.75 -0.95 -22.68
N SER B 208 34.82 -1.53 -23.25
CA SER B 208 34.69 -2.79 -23.97
C SER B 208 35.90 -3.67 -23.74
N PHE B 209 35.77 -4.93 -24.13
CA PHE B 209 36.88 -5.87 -24.14
C PHE B 209 36.60 -6.91 -25.22
N ASN B 210 37.67 -7.58 -25.65
CA ASN B 210 37.58 -8.67 -26.61
C ASN B 210 37.74 -9.99 -25.86
N ARG B 211 36.83 -10.94 -26.12
CA ARG B 211 36.91 -12.25 -25.48
C ARG B 211 38.23 -12.90 -25.81
N GLY B 212 39.03 -13.19 -24.79
CA GLY B 212 40.36 -13.72 -24.97
C GLY B 212 41.45 -12.75 -24.54
N THR C 15 -60.69 5.47 2.89
CA THR C 15 -60.34 5.47 1.47
C THR C 15 -59.48 6.70 1.12
N ASN C 16 -58.54 7.03 1.99
CA ASN C 16 -57.62 8.12 1.77
C ASN C 16 -56.31 7.60 1.18
N LEU C 17 -55.55 8.50 0.56
CA LEU C 17 -54.30 8.13 -0.09
C LEU C 17 -53.16 8.13 0.92
N CYS C 18 -52.30 7.11 0.82
CA CYS C 18 -51.17 7.01 1.73
C CYS C 18 -50.20 8.16 1.49
N PRO C 19 -49.67 8.77 2.56
CA PRO C 19 -48.85 9.98 2.42
C PRO C 19 -47.39 9.68 2.05
N PHE C 20 -47.20 9.01 0.91
CA PHE C 20 -45.84 8.73 0.44
C PHE C 20 -45.13 10.01 0.02
N GLY C 21 -45.88 10.99 -0.50
CA GLY C 21 -45.28 12.21 -0.97
C GLY C 21 -44.49 12.95 0.11
N GLU C 22 -44.95 12.88 1.35
CA GLU C 22 -44.22 13.54 2.43
C GLU C 22 -43.03 12.74 2.91
N VAL C 23 -42.94 11.46 2.53
CA VAL C 23 -41.73 10.67 2.78
C VAL C 23 -40.72 10.85 1.66
N PHE C 24 -41.17 10.68 0.41
CA PHE C 24 -40.25 10.71 -0.72
C PHE C 24 -39.82 12.13 -1.06
N ASN C 25 -40.69 13.12 -0.84
CA ASN C 25 -40.40 14.50 -1.22
C ASN C 25 -40.13 15.40 -0.02
N ALA C 26 -39.73 14.82 1.11
CA ALA C 26 -39.34 15.64 2.25
C ALA C 26 -38.15 16.52 1.88
N THR C 27 -38.12 17.73 2.45
CA THR C 27 -37.08 18.68 2.09
C THR C 27 -35.73 18.25 2.65
N ARG C 28 -35.72 17.71 3.86
CA ARG C 28 -34.52 17.10 4.43
C ARG C 28 -34.80 15.65 4.79
N PHE C 29 -33.75 14.84 4.73
CA PHE C 29 -33.77 13.46 5.16
C PHE C 29 -32.94 13.31 6.44
N ALA C 30 -33.23 12.26 7.19
CA ALA C 30 -32.50 12.01 8.41
C ALA C 30 -31.08 11.52 8.12
N SER C 31 -30.21 11.68 9.11
CA SER C 31 -28.94 10.97 9.09
C SER C 31 -29.20 9.48 9.31
N VAL C 32 -28.35 8.65 8.70
CA VAL C 32 -28.61 7.21 8.69
C VAL C 32 -28.58 6.64 10.09
N TYR C 33 -27.68 7.12 10.95
CA TYR C 33 -27.62 6.60 12.32
C TYR C 33 -28.89 6.92 13.09
N ALA C 34 -29.49 8.09 12.85
CA ALA C 34 -30.78 8.41 13.45
C ALA C 34 -31.86 8.29 12.38
N TRP C 35 -32.01 7.11 11.77
CA TRP C 35 -32.89 6.98 10.62
C TRP C 35 -34.34 7.23 11.00
N ASN C 36 -35.09 7.81 10.06
CA ASN C 36 -36.47 8.18 10.30
C ASN C 36 -37.42 7.04 9.93
N ARG C 37 -38.43 6.83 10.76
CA ARG C 37 -39.45 5.81 10.51
C ARG C 37 -40.83 6.45 10.53
N LYS C 38 -41.59 6.25 9.45
CA LYS C 38 -42.98 6.67 9.41
C LYS C 38 -43.87 5.45 9.30
N ARG C 39 -44.88 5.38 10.15
CA ARG C 39 -45.87 4.32 10.11
C ARG C 39 -46.96 4.68 9.11
N ILE C 40 -47.35 3.72 8.27
CA ILE C 40 -48.37 3.92 7.26
C ILE C 40 -49.55 3.02 7.60
N SER C 41 -50.72 3.63 7.80
CA SER C 41 -51.92 2.90 8.21
C SER C 41 -53.15 3.60 7.67
N ASN C 42 -54.20 2.82 7.45
CA ASN C 42 -55.53 3.31 7.10
C ASN C 42 -55.49 4.23 5.87
N CYS C 43 -55.11 3.63 4.75
CA CYS C 43 -55.02 4.35 3.49
C CYS C 43 -54.90 3.34 2.36
N VAL C 44 -55.00 3.85 1.13
CA VAL C 44 -54.81 3.07 -0.09
C VAL C 44 -53.53 3.56 -0.76
N ALA C 45 -52.70 2.62 -1.19
CA ALA C 45 -51.37 2.93 -1.71
C ALA C 45 -51.22 2.43 -3.14
N ASP C 46 -50.82 3.32 -4.04
CA ASP C 46 -50.52 2.97 -5.43
C ASP C 46 -49.01 2.76 -5.52
N TYR C 47 -48.58 1.51 -5.37
CA TYR C 47 -47.16 1.20 -5.46
C TYR C 47 -46.65 1.21 -6.88
N SER C 48 -47.54 1.28 -7.88
CA SER C 48 -47.13 1.29 -9.28
C SER C 48 -46.86 2.68 -9.81
N VAL C 49 -47.21 3.73 -9.08
CA VAL C 49 -46.74 5.06 -9.47
C VAL C 49 -45.33 5.29 -8.94
N LEU C 50 -44.99 4.67 -7.82
CA LEU C 50 -43.62 4.74 -7.32
C LEU C 50 -42.67 4.02 -8.28
N TYR C 51 -43.02 2.80 -8.69
CA TYR C 51 -42.15 2.04 -9.58
C TYR C 51 -42.07 2.69 -10.95
N ASN C 52 -43.20 3.07 -11.53
CA ASN C 52 -43.24 3.62 -12.87
C ASN C 52 -42.95 5.11 -12.89
N SER C 53 -42.15 5.59 -11.95
CA SER C 53 -41.69 6.97 -11.98
C SER C 53 -40.41 7.13 -12.79
N ALA C 54 -39.61 6.07 -12.92
CA ALA C 54 -38.40 6.05 -13.73
C ALA C 54 -37.39 7.10 -13.28
N SER C 55 -37.44 7.49 -12.01
CA SER C 55 -36.51 8.46 -11.46
C SER C 55 -35.64 7.86 -10.36
N PHE C 56 -35.77 6.56 -10.11
CA PHE C 56 -35.01 5.88 -9.06
C PHE C 56 -33.89 5.06 -9.69
N SER C 57 -32.72 5.10 -9.06
CA SER C 57 -31.59 4.27 -9.48
C SER C 57 -31.62 2.89 -8.85
N THR C 58 -32.36 2.70 -7.77
CA THR C 58 -32.53 1.40 -7.15
C THR C 58 -33.98 1.23 -6.71
N PHE C 59 -34.59 0.12 -7.10
CA PHE C 59 -35.94 -0.24 -6.70
C PHE C 59 -35.98 -1.77 -6.68
N LYS C 60 -35.34 -2.36 -5.68
CA LYS C 60 -35.20 -3.81 -5.56
C LYS C 60 -36.10 -4.29 -4.43
N CYS C 61 -37.06 -5.14 -4.77
CA CYS C 61 -38.02 -5.66 -3.79
C CYS C 61 -37.65 -7.09 -3.42
N TYR C 62 -37.74 -7.39 -2.12
CA TYR C 62 -37.43 -8.69 -1.57
C TYR C 62 -38.73 -9.25 -0.99
N GLY C 63 -39.25 -10.31 -1.62
CA GLY C 63 -40.46 -10.93 -1.11
C GLY C 63 -41.57 -11.08 -2.13
N VAL C 64 -41.86 -10.00 -2.88
CA VAL C 64 -42.89 -10.05 -3.91
C VAL C 64 -42.66 -8.87 -4.85
N SER C 65 -43.10 -9.04 -6.09
CA SER C 65 -42.87 -8.01 -7.11
C SER C 65 -43.75 -6.79 -6.84
N PRO C 66 -43.29 -5.59 -7.21
CA PRO C 66 -44.11 -4.40 -6.98
C PRO C 66 -45.38 -4.38 -7.80
N THR C 67 -45.34 -4.89 -9.03
CA THR C 67 -46.55 -4.98 -9.85
C THR C 67 -47.60 -5.85 -9.17
N LYS C 68 -47.17 -6.81 -8.34
CA LYS C 68 -48.07 -7.75 -7.70
C LYS C 68 -48.47 -7.36 -6.29
N LEU C 69 -47.66 -6.56 -5.58
CA LEU C 69 -48.07 -6.13 -4.24
C LEU C 69 -49.03 -4.95 -4.28
N ASN C 70 -49.27 -4.34 -5.44
CA ASN C 70 -50.41 -3.45 -5.59
C ASN C 70 -51.72 -4.21 -5.45
N ASP C 71 -51.68 -5.53 -5.61
CA ASP C 71 -52.82 -6.42 -5.39
C ASP C 71 -52.66 -7.16 -4.06
N LEU C 72 -52.51 -6.39 -2.98
CA LEU C 72 -52.19 -6.99 -1.70
C LEU C 72 -52.55 -6.02 -0.58
N CYS C 73 -52.70 -6.58 0.63
CA CYS C 73 -53.05 -5.81 1.81
C CYS C 73 -52.18 -6.22 2.99
N PHE C 74 -51.78 -5.23 3.79
CA PHE C 74 -51.01 -5.47 5.00
C PHE C 74 -51.62 -4.66 6.14
N THR C 75 -51.33 -5.08 7.38
CA THR C 75 -51.85 -4.37 8.53
C THR C 75 -51.13 -3.03 8.71
N ASN C 76 -49.80 -3.03 8.68
CA ASN C 76 -49.02 -1.81 8.74
C ASN C 76 -47.91 -1.85 7.71
N VAL C 77 -47.57 -0.68 7.19
CA VAL C 77 -46.39 -0.50 6.35
C VAL C 77 -45.52 0.55 7.03
N TYR C 78 -44.23 0.25 7.15
CA TYR C 78 -43.27 1.19 7.69
C TYR C 78 -42.41 1.74 6.55
N ALA C 79 -42.18 3.05 6.58
CA ALA C 79 -41.35 3.72 5.59
C ALA C 79 -40.16 4.34 6.31
N ASP C 80 -38.99 3.73 6.17
CA ASP C 80 -37.76 4.23 6.75
C ASP C 80 -36.99 5.01 5.70
N SER C 81 -36.47 6.19 6.08
CA SER C 81 -35.74 7.03 5.14
C SER C 81 -34.48 7.59 5.81
N PHE C 82 -33.46 7.80 4.99
CA PHE C 82 -32.17 8.34 5.43
C PHE C 82 -31.33 8.64 4.18
N VAL C 83 -30.11 9.13 4.41
CA VAL C 83 -29.15 9.43 3.35
C VAL C 83 -27.85 8.67 3.64
N ILE C 84 -27.27 8.07 2.60
CA ILE C 84 -25.98 7.40 2.67
C ILE C 84 -25.23 7.66 1.37
N ARG C 85 -23.96 7.22 1.33
CA ARG C 85 -23.18 7.25 0.11
C ARG C 85 -23.77 6.30 -0.94
N GLY C 86 -23.47 6.60 -2.21
CA GLY C 86 -23.90 5.71 -3.28
C GLY C 86 -23.26 4.34 -3.20
N ASP C 87 -22.00 4.28 -2.74
CA ASP C 87 -21.33 3.00 -2.57
C ASP C 87 -21.98 2.12 -1.50
N GLU C 88 -22.66 2.74 -0.53
CA GLU C 88 -23.21 2.01 0.61
C GLU C 88 -24.65 1.54 0.39
N VAL C 89 -25.26 1.87 -0.76
CA VAL C 89 -26.63 1.46 -1.01
C VAL C 89 -26.73 -0.07 -1.10
N ARG C 90 -25.67 -0.72 -1.59
CA ARG C 90 -25.66 -2.18 -1.64
C ARG C 90 -25.80 -2.82 -0.27
N GLN C 91 -25.46 -2.10 0.80
CA GLN C 91 -25.58 -2.63 2.16
C GLN C 91 -27.01 -2.60 2.68
N ILE C 92 -27.91 -1.87 2.05
CA ILE C 92 -29.31 -1.86 2.45
C ILE C 92 -30.00 -3.06 1.80
N ALA C 93 -29.68 -4.25 2.28
CA ALA C 93 -30.23 -5.49 1.77
C ALA C 93 -30.04 -6.57 2.82
N PRO C 94 -30.86 -7.62 2.83
CA PRO C 94 -30.66 -8.70 3.81
C PRO C 94 -29.31 -9.38 3.60
N GLY C 95 -28.68 -9.73 4.71
CA GLY C 95 -27.45 -10.49 4.68
C GLY C 95 -26.21 -9.72 4.24
N GLN C 96 -26.13 -8.43 4.57
CA GLN C 96 -25.01 -7.61 4.17
C GLN C 96 -24.20 -7.17 5.38
N THR C 97 -22.92 -6.86 5.14
CA THR C 97 -22.03 -6.34 6.15
C THR C 97 -21.39 -5.05 5.65
N GLY C 98 -20.77 -4.32 6.56
CA GLY C 98 -20.23 -3.00 6.29
C GLY C 98 -20.65 -2.00 7.33
N LYS C 99 -20.08 -0.79 7.19
CA LYS C 99 -20.29 0.24 8.20
C LYS C 99 -21.76 0.57 8.40
N ILE C 100 -22.53 0.60 7.31
CA ILE C 100 -23.94 0.96 7.42
C ILE C 100 -24.76 -0.20 7.97
N ALA C 101 -24.63 -1.38 7.36
CA ALA C 101 -25.40 -2.54 7.80
C ALA C 101 -25.06 -2.95 9.22
N ASP C 102 -23.79 -2.77 9.63
CA ASP C 102 -23.37 -3.23 10.95
C ASP C 102 -23.70 -2.22 12.05
N TYR C 103 -23.55 -0.93 11.76
CA TYR C 103 -23.56 0.07 12.83
C TYR C 103 -24.61 1.17 12.63
N ASN C 104 -25.39 1.15 11.55
CA ASN C 104 -26.33 2.25 11.32
C ASN C 104 -27.74 1.76 11.03
N TYR C 105 -27.93 0.96 9.99
CA TYR C 105 -29.25 0.46 9.61
C TYR C 105 -29.12 -0.96 9.11
N LYS C 106 -29.75 -1.90 9.81
CA LYS C 106 -29.59 -3.33 9.55
C LYS C 106 -30.94 -3.92 9.15
N LEU C 107 -30.99 -4.57 7.99
CA LEU C 107 -32.14 -5.32 7.49
C LEU C 107 -32.03 -6.79 7.90
N PRO C 108 -33.15 -7.42 8.26
CA PRO C 108 -33.10 -8.83 8.66
C PRO C 108 -32.94 -9.75 7.47
N ASP C 109 -32.48 -10.97 7.75
CA ASP C 109 -32.30 -11.96 6.68
C ASP C 109 -33.60 -12.27 5.97
N ASP C 110 -34.71 -12.32 6.71
CA ASP C 110 -36.02 -12.63 6.17
C ASP C 110 -36.81 -11.37 5.86
N PHE C 111 -36.16 -10.37 5.27
CA PHE C 111 -36.81 -9.12 4.94
C PHE C 111 -37.80 -9.32 3.78
N THR C 112 -38.98 -8.71 3.91
CA THR C 112 -40.07 -8.91 2.95
C THR C 112 -40.61 -7.60 2.42
N GLY C 113 -39.76 -6.60 2.21
CA GLY C 113 -40.22 -5.32 1.70
C GLY C 113 -39.50 -4.86 0.45
N CYS C 114 -39.36 -3.53 0.27
CA CYS C 114 -38.72 -2.97 -0.90
C CYS C 114 -37.74 -1.87 -0.49
N VAL C 115 -36.65 -1.75 -1.25
CA VAL C 115 -35.60 -0.76 -1.01
C VAL C 115 -35.51 0.15 -2.22
N ILE C 116 -35.60 1.46 -1.99
CA ILE C 116 -35.66 2.46 -3.05
C ILE C 116 -34.60 3.53 -2.78
N ALA C 117 -33.84 3.90 -3.81
CA ALA C 117 -32.78 4.88 -3.66
C ALA C 117 -32.66 5.71 -4.93
N TRP C 118 -32.19 6.94 -4.77
CA TRP C 118 -31.95 7.83 -5.90
C TRP C 118 -30.89 8.86 -5.53
N ASN C 119 -30.15 9.30 -6.54
CA ASN C 119 -29.06 10.26 -6.34
C ASN C 119 -29.61 11.62 -5.97
N SER C 120 -29.07 12.22 -4.91
CA SER C 120 -29.49 13.54 -4.45
C SER C 120 -28.31 14.47 -4.29
N ASN C 121 -27.33 14.36 -5.21
CA ASN C 121 -26.20 15.28 -5.20
C ASN C 121 -26.66 16.73 -5.35
N ASN C 122 -27.75 16.95 -6.09
CA ASN C 122 -28.25 18.31 -6.30
C ASN C 122 -28.86 18.91 -5.05
N LEU C 123 -29.24 18.09 -4.07
CA LEU C 123 -29.92 18.57 -2.87
C LEU C 123 -29.08 18.47 -1.61
N ASP C 124 -28.25 17.44 -1.46
CA ASP C 124 -27.59 17.15 -0.20
C ASP C 124 -26.08 17.40 -0.22
N SER C 125 -25.54 17.91 -1.32
CA SER C 125 -24.15 18.35 -1.37
C SER C 125 -24.09 19.84 -1.60
N LYS C 126 -23.02 20.47 -1.13
CA LYS C 126 -22.78 21.88 -1.42
C LYS C 126 -21.29 22.13 -1.46
N VAL C 127 -20.91 23.21 -2.17
CA VAL C 127 -19.51 23.58 -2.28
C VAL C 127 -18.94 23.84 -0.89
N GLY C 128 -17.74 23.31 -0.65
CA GLY C 128 -17.15 23.34 0.67
C GLY C 128 -17.63 22.25 1.60
N GLY C 129 -18.63 21.47 1.20
CA GLY C 129 -19.06 20.33 1.98
C GLY C 129 -20.29 20.57 2.84
N ASN C 130 -21.29 19.70 2.68
CA ASN C 130 -22.44 19.67 3.57
C ASN C 130 -22.17 18.66 4.68
N TYR C 131 -22.11 19.14 5.92
CA TYR C 131 -21.77 18.31 7.06
C TYR C 131 -22.98 18.00 7.94
N ASN C 132 -24.19 18.17 7.40
CA ASN C 132 -25.41 17.86 8.17
C ASN C 132 -25.55 16.36 8.40
N TYR C 133 -25.18 15.54 7.42
CA TYR C 133 -25.46 14.11 7.45
C TYR C 133 -24.33 13.36 8.15
N LEU C 134 -24.70 12.57 9.16
CA LEU C 134 -23.74 11.83 9.96
C LEU C 134 -23.98 10.33 9.81
N TYR C 135 -22.98 9.56 10.23
CA TYR C 135 -23.07 8.11 10.32
C TYR C 135 -22.18 7.65 11.47
N ARG C 136 -22.45 6.45 11.97
CA ARG C 136 -21.70 5.90 13.09
C ARG C 136 -20.51 5.12 12.56
N LEU C 137 -19.30 5.51 12.99
CA LEU C 137 -18.07 4.84 12.55
C LEU C 137 -17.63 3.76 13.53
N PHE C 138 -17.76 3.99 14.84
CA PHE C 138 -17.33 3.05 15.85
C PHE C 138 -18.53 2.51 16.63
N ARG C 139 -18.52 1.20 16.88
CA ARG C 139 -19.51 0.58 17.75
C ARG C 139 -18.93 -0.75 18.25
N LYS C 140 -19.24 -1.09 19.50
CA LYS C 140 -18.67 -2.30 20.10
C LYS C 140 -19.14 -3.55 19.38
N SER C 141 -20.40 -3.58 18.95
CA SER C 141 -20.95 -4.76 18.30
C SER C 141 -21.90 -4.33 17.19
N ASN C 142 -22.40 -5.33 16.45
CA ASN C 142 -23.30 -5.09 15.33
C ASN C 142 -24.72 -4.81 15.81
N LEU C 143 -25.47 -4.12 14.96
CA LEU C 143 -26.87 -3.82 15.25
C LEU C 143 -27.75 -5.03 14.95
N LYS C 144 -28.79 -5.20 15.77
CA LYS C 144 -29.87 -6.10 15.43
C LYS C 144 -30.71 -5.48 14.32
N PRO C 145 -31.47 -6.29 13.58
CA PRO C 145 -32.33 -5.75 12.53
C PRO C 145 -33.27 -4.66 13.06
N PHE C 146 -33.37 -3.57 12.29
CA PHE C 146 -34.25 -2.45 12.62
C PHE C 146 -33.91 -1.81 13.97
N GLU C 147 -32.65 -1.90 14.39
CA GLU C 147 -32.21 -1.23 15.60
C GLU C 147 -31.71 0.17 15.26
N ARG C 148 -31.96 1.12 16.15
CA ARG C 148 -31.56 2.51 15.97
C ARG C 148 -30.76 2.93 17.18
N ASP C 149 -29.47 3.20 16.97
CA ASP C 149 -28.55 3.63 18.02
C ASP C 149 -28.25 5.11 17.81
N ILE C 150 -28.64 5.95 18.76
CA ILE C 150 -28.48 7.38 18.66
C ILE C 150 -27.62 7.95 19.78
N SER C 151 -26.81 7.11 20.43
CA SER C 151 -25.98 7.59 21.53
C SER C 151 -24.72 8.25 20.98
N THR C 152 -24.22 9.23 21.74
CA THR C 152 -23.00 9.96 21.38
C THR C 152 -21.88 9.73 22.39
N GLU C 153 -21.96 8.61 23.12
CA GLU C 153 -20.92 8.27 24.08
C GLU C 153 -19.56 8.10 23.38
N ILE C 154 -18.50 8.58 24.03
CA ILE C 154 -17.17 8.49 23.46
C ILE C 154 -16.73 7.04 23.39
N TYR C 155 -16.25 6.61 22.23
CA TYR C 155 -15.91 5.22 22.00
C TYR C 155 -14.54 4.92 22.59
N GLN C 156 -14.49 3.93 23.49
CA GLN C 156 -13.26 3.54 24.18
C GLN C 156 -12.54 2.49 23.34
N ALA C 157 -11.49 2.92 22.62
CA ALA C 157 -10.74 2.04 21.74
C ALA C 157 -9.52 1.42 22.40
N GLY C 158 -9.20 1.81 23.63
CA GLY C 158 -8.13 1.19 24.38
C GLY C 158 -8.62 0.68 25.72
N SER C 159 -7.72 0.54 26.69
CA SER C 159 -8.08 0.05 28.01
C SER C 159 -8.33 1.18 29.01
N THR C 160 -7.97 2.42 28.67
CA THR C 160 -8.21 3.55 29.57
C THR C 160 -9.61 4.13 29.33
N PRO C 161 -10.38 4.41 30.38
CA PRO C 161 -11.69 5.04 30.18
C PRO C 161 -11.55 6.43 29.59
N CYS C 162 -12.60 6.89 28.92
CA CYS C 162 -12.52 8.14 28.17
C CYS C 162 -13.05 9.34 28.95
N ASN C 163 -14.00 9.12 29.86
CA ASN C 163 -14.56 10.16 30.71
C ASN C 163 -15.22 11.27 29.89
N GLY C 164 -15.77 10.92 28.73
CA GLY C 164 -16.51 11.87 27.93
C GLY C 164 -15.70 12.95 27.26
N VAL C 165 -14.40 12.72 27.03
CA VAL C 165 -13.58 13.67 26.27
C VAL C 165 -12.73 12.90 25.27
N GLU C 166 -12.60 13.47 24.07
CA GLU C 166 -11.90 12.82 22.98
C GLU C 166 -10.39 12.90 23.16
N GLY C 167 -9.68 12.10 22.39
CA GLY C 167 -8.24 12.02 22.49
C GLY C 167 -7.77 10.70 21.89
N PHE C 168 -6.54 10.33 22.24
CA PHE C 168 -6.02 9.04 21.80
C PHE C 168 -6.84 7.91 22.39
N ASN C 169 -7.28 6.99 21.53
CA ASN C 169 -8.13 5.86 21.90
C ASN C 169 -9.50 6.28 22.42
N CYS C 170 -9.88 7.54 22.21
CA CYS C 170 -11.16 8.06 22.71
C CYS C 170 -11.77 8.90 21.60
N TYR C 171 -12.69 8.30 20.85
CA TYR C 171 -13.18 8.87 19.61
C TYR C 171 -14.67 9.13 19.69
N PHE C 172 -15.09 10.29 19.19
CA PHE C 172 -16.50 10.55 19.00
C PHE C 172 -17.04 9.55 17.98
N PRO C 173 -18.12 8.83 18.29
CA PRO C 173 -18.50 7.70 17.45
C PRO C 173 -19.10 8.08 16.11
N LEU C 174 -19.59 9.31 15.95
CA LEU C 174 -20.26 9.73 14.73
C LEU C 174 -19.33 10.55 13.85
N GLN C 175 -19.35 10.28 12.56
CA GLN C 175 -18.59 11.01 11.57
C GLN C 175 -19.54 11.70 10.59
N SER C 176 -19.12 12.83 10.07
CA SER C 176 -19.89 13.54 9.07
C SER C 176 -19.45 13.12 7.68
N TYR C 177 -20.43 12.81 6.82
CA TYR C 177 -20.14 12.81 5.40
C TYR C 177 -19.71 14.21 4.98
N GLY C 178 -18.85 14.29 3.98
CA GLY C 178 -18.43 15.59 3.49
C GLY C 178 -18.98 15.85 2.10
N PHE C 179 -20.29 15.74 1.94
CA PHE C 179 -20.90 15.71 0.62
C PHE C 179 -20.58 16.99 -0.15
N GLN C 180 -19.66 16.88 -1.10
CA GLN C 180 -19.29 17.91 -2.05
C GLN C 180 -19.76 17.52 -3.45
N PRO C 181 -20.23 18.48 -4.25
CA PRO C 181 -20.71 18.14 -5.60
C PRO C 181 -19.64 17.52 -6.49
N THR C 182 -18.35 17.75 -6.23
CA THR C 182 -17.30 17.17 -7.05
C THR C 182 -16.95 15.74 -6.64
N ASN C 183 -17.63 15.18 -5.64
CA ASN C 183 -17.41 13.78 -5.27
C ASN C 183 -17.66 12.86 -6.46
N GLY C 184 -16.90 11.78 -6.52
CA GLY C 184 -17.28 10.69 -7.40
C GLY C 184 -18.64 10.15 -7.04
N VAL C 185 -19.33 9.58 -8.04
CA VAL C 185 -20.72 9.18 -7.86
C VAL C 185 -20.88 8.24 -6.68
N GLY C 186 -19.98 7.27 -6.53
CA GLY C 186 -20.04 6.34 -5.42
C GLY C 186 -19.96 7.01 -4.06
N TYR C 187 -19.48 8.25 -4.01
CA TYR C 187 -19.34 9.00 -2.77
C TYR C 187 -20.35 10.14 -2.65
N GLN C 188 -21.28 10.23 -3.59
CA GLN C 188 -22.33 11.24 -3.58
C GLN C 188 -23.49 10.79 -2.71
N PRO C 189 -24.29 11.73 -2.19
CA PRO C 189 -25.39 11.34 -1.30
C PRO C 189 -26.54 10.74 -2.10
N TYR C 190 -27.10 9.66 -1.55
CA TYR C 190 -28.29 9.02 -2.09
C TYR C 190 -29.37 9.01 -1.02
N ARG C 191 -30.57 9.44 -1.40
CA ARG C 191 -31.71 9.31 -0.51
C ARG C 191 -32.28 7.90 -0.64
N VAL C 192 -32.56 7.28 0.50
CA VAL C 192 -33.00 5.89 0.55
C VAL C 192 -34.33 5.83 1.30
N VAL C 193 -35.27 5.05 0.76
CA VAL C 193 -36.53 4.75 1.44
C VAL C 193 -36.67 3.23 1.50
N VAL C 194 -36.93 2.71 2.70
CA VAL C 194 -37.16 1.29 2.91
C VAL C 194 -38.61 1.10 3.32
N LEU C 195 -39.33 0.26 2.58
CA LEU C 195 -40.73 -0.05 2.86
C LEU C 195 -40.81 -1.46 3.42
N SER C 196 -41.23 -1.58 4.68
CA SER C 196 -41.43 -2.87 5.32
C SER C 196 -42.91 -3.19 5.36
N PHE C 197 -43.25 -4.45 5.05
CA PHE C 197 -44.63 -4.91 5.03
C PHE C 197 -44.82 -6.00 6.09
N GLU C 198 -45.77 -5.79 6.98
CA GLU C 198 -46.08 -6.77 8.02
C GLU C 198 -47.55 -7.18 8.01
N ALA C 204 -56.08 -5.65 7.96
CA ALA C 204 -55.18 -5.03 7.00
C ALA C 204 -55.66 -3.65 6.59
N THR C 205 -54.95 -2.61 7.04
CA THR C 205 -55.36 -1.22 6.82
C THR C 205 -54.63 -0.54 5.66
N VAL C 206 -53.78 -1.25 4.95
CA VAL C 206 -53.05 -0.69 3.81
C VAL C 206 -53.27 -1.60 2.62
N CYS C 207 -53.88 -1.07 1.55
CA CYS C 207 -54.18 -1.84 0.36
C CYS C 207 -53.90 -0.99 -0.87
N GLY C 208 -54.13 -1.58 -2.04
CA GLY C 208 -53.90 -0.90 -3.30
C GLY C 208 -55.13 -0.82 -4.18
C1 NAG D . -42.84 13.90 -5.38
C2 NAG D . -44.03 12.96 -5.54
C3 NAG D . -44.28 12.64 -7.02
C4 NAG D . -44.31 13.91 -7.88
C5 NAG D . -43.09 14.77 -7.58
C6 NAG D . -43.09 16.13 -8.26
C7 NAG D . -44.79 11.00 -4.26
C8 NAG D . -44.37 9.76 -3.52
N2 NAG D . -43.82 11.74 -4.79
O3 NAG D . -45.52 11.94 -7.15
O4 NAG D . -44.33 13.49 -9.24
O5 NAG D . -43.03 15.04 -6.18
O6 NAG D . -44.32 16.81 -8.08
O7 NAG D . -45.98 11.31 -4.37
C1 NAG D . -45.10 14.33 -10.13
C2 NAG D . -44.79 13.88 -11.56
C3 NAG D . -45.51 14.80 -12.55
C4 NAG D . -47.00 14.84 -12.25
C5 NAG D . -47.26 15.17 -10.78
C6 NAG D . -48.71 15.05 -10.39
C7 NAG D . -42.53 14.87 -11.76
C8 NAG D . -41.09 14.58 -12.05
N2 NAG D . -43.36 13.83 -11.82
O3 NAG D . -45.28 14.34 -13.88
O4 NAG D . -47.63 15.84 -13.05
O5 NAG D . -46.53 14.28 -9.91
O6 NAG D . -49.11 13.70 -10.26
O7 NAG D . -42.92 16.00 -11.46
#